data_3NNS
#
_entry.id   3NNS
#
_cell.length_a   64.320
_cell.length_b   37.492
_cell.length_c   91.478
_cell.angle_alpha   90.00
_cell.angle_beta   108.15
_cell.angle_gamma   90.00
#
_symmetry.space_group_name_H-M   'C 1 2 1'
#
loop_
_entity.id
_entity.type
_entity.pdbx_description
1 polymer 'DNA BINDING RESPONSE REGULATOR B'
2 non-polymer 'MAGNESIUM ION'
3 non-polymer 'BERYLLIUM TRIFLUORIDE ION'
4 water water
#
_entity_poly.entity_id   1
_entity_poly.type   'polypeptide(L)'
_entity_poly.pdbx_seq_one_letter_code
;(MSE)(MSE)WKIAVVDDDKNILKKVSEKLQQLGRVKTFLTGEDFLNDEEAFHVVVLDV(MSE)LPDYSGYEICR(MSE)
IKETRPETWVILLTLLSDDESVLKGFEAGADDYVTKPFNPEILLARVKRFLER
;
_entity_poly.pdbx_strand_id   A,B
#
loop_
_chem_comp.id
_chem_comp.type
_chem_comp.name
_chem_comp.formula
BEF non-polymer 'BERYLLIUM TRIFLUORIDE ION' 'Be F3 -1'
MG non-polymer 'MAGNESIUM ION' 'Mg 2'
#
# COMPACT_ATOMS: atom_id res chain seq x y z
N MSE A 1 13.59 -1.50 -19.70
CA MSE A 1 12.35 -2.32 -19.69
C MSE A 1 11.16 -1.38 -19.78
O MSE A 1 11.30 -0.18 -19.60
CB MSE A 1 12.27 -3.14 -18.39
CG MSE A 1 11.86 -2.32 -17.18
SE MSE A 1 11.88 -3.35 -15.55
CE MSE A 1 10.43 -4.57 -15.92
N MSE A 2 9.99 -1.94 -20.05
CA MSE A 2 8.79 -1.14 -20.15
C MSE A 2 7.77 -1.56 -19.09
O MSE A 2 7.36 -2.72 -19.04
CB MSE A 2 8.14 -1.27 -21.53
CG MSE A 2 6.82 -0.50 -21.66
SE MSE A 2 5.83 -0.87 -23.29
CE MSE A 2 6.33 0.70 -24.31
N TRP A 3 7.40 -0.63 -18.22
CA TRP A 3 6.41 -0.93 -17.21
C TRP A 3 5.06 -0.79 -17.90
N LYS A 4 4.13 -1.66 -17.54
CA LYS A 4 2.80 -1.65 -18.13
C LYS A 4 1.74 -1.54 -17.05
N ILE A 5 0.83 -0.60 -17.22
CA ILE A 5 -0.23 -0.36 -16.25
C ILE A 5 -1.59 -0.43 -16.91
N ALA A 6 -2.52 -1.16 -16.28
CA ALA A 6 -3.87 -1.27 -16.80
C ALA A 6 -4.76 -0.43 -15.88
N VAL A 7 -5.79 0.17 -16.45
CA VAL A 7 -6.73 0.97 -15.68
C VAL A 7 -8.13 0.50 -16.09
N VAL A 8 -8.86 -0.08 -15.15
CA VAL A 8 -10.20 -0.59 -15.43
C VAL A 8 -11.22 0.19 -14.62
N ASP A 9 -12.10 0.91 -15.33
CA ASP A 9 -13.12 1.73 -14.68
C ASP A 9 -14.15 2.12 -15.72
N ASP A 10 -15.43 2.03 -15.36
CA ASP A 10 -16.52 2.39 -16.28
C ASP A 10 -16.65 3.90 -16.45
N ASP A 11 -15.97 4.66 -15.60
CA ASP A 11 -16.02 6.12 -15.68
C ASP A 11 -14.92 6.63 -16.62
N LYS A 12 -15.34 7.10 -17.79
CA LYS A 12 -14.41 7.61 -18.80
C LYS A 12 -13.43 8.65 -18.25
N ASN A 13 -13.91 9.53 -17.39
CA ASN A 13 -13.05 10.57 -16.82
C ASN A 13 -11.94 10.03 -15.95
N ILE A 14 -12.19 8.92 -15.27
CA ILE A 14 -11.18 8.29 -14.42
C ILE A 14 -10.09 7.71 -15.33
N LEU A 15 -10.50 7.05 -16.41
CA LEU A 15 -9.55 6.48 -17.37
C LEU A 15 -8.67 7.56 -17.95
N LYS A 16 -9.28 8.67 -18.40
CA LYS A 16 -8.51 9.75 -18.99
C LYS A 16 -7.57 10.42 -17.99
N LYS A 17 -8.09 10.80 -16.84
CA LYS A 17 -7.27 11.46 -15.83
C LYS A 17 -6.15 10.61 -15.26
N VAL A 18 -6.45 9.36 -14.92
CA VAL A 18 -5.45 8.45 -14.38
C VAL A 18 -4.40 8.12 -15.42
N SER A 19 -4.85 7.77 -16.62
CA SER A 19 -3.93 7.42 -17.70
C SER A 19 -2.98 8.57 -18.00
N GLU A 20 -3.50 9.79 -18.01
CA GLU A 20 -2.68 10.96 -18.28
C GLU A 20 -1.67 11.21 -17.16
N LYS A 21 -2.04 10.89 -15.92
CA LYS A 21 -1.14 11.08 -14.80
C LYS A 21 -0.08 9.98 -14.76
N LEU A 22 -0.47 8.76 -15.13
CA LEU A 22 0.45 7.61 -15.09
C LEU A 22 1.28 7.34 -16.34
N GLN A 23 0.97 8.01 -17.45
CA GLN A 23 1.71 7.77 -18.68
C GLN A 23 3.20 8.01 -18.49
N GLN A 24 3.55 8.87 -17.55
CA GLN A 24 4.93 9.20 -17.29
C GLN A 24 5.74 8.01 -16.75
N LEU A 25 5.05 7.04 -16.15
CA LEU A 25 5.70 5.86 -15.59
C LEU A 25 5.95 4.75 -16.63
N GLY A 26 5.08 4.68 -17.63
CA GLY A 26 5.21 3.67 -18.66
C GLY A 26 3.98 3.59 -19.56
N ARG A 27 3.76 2.45 -20.20
CA ARG A 27 2.61 2.29 -21.07
C ARG A 27 1.35 2.04 -20.25
N VAL A 28 0.29 2.80 -20.52
CA VAL A 28 -0.96 2.63 -19.79
C VAL A 28 -2.08 2.24 -20.76
N LYS A 29 -2.84 1.20 -20.42
CA LYS A 29 -3.95 0.75 -21.25
C LYS A 29 -5.23 0.85 -20.41
N THR A 30 -6.28 1.42 -20.99
CA THR A 30 -7.55 1.59 -20.26
C THR A 30 -8.62 0.61 -20.69
N PHE A 31 -9.56 0.36 -19.77
CA PHE A 31 -10.66 -0.55 -20.02
C PHE A 31 -11.92 -0.04 -19.35
N LEU A 32 -13.02 -0.01 -20.10
CA LEU A 32 -14.29 0.47 -19.58
C LEU A 32 -15.08 -0.62 -18.85
N THR A 33 -14.75 -1.88 -19.08
CA THR A 33 -15.45 -2.97 -18.42
C THR A 33 -14.50 -4.07 -17.97
N GLY A 34 -14.96 -4.88 -17.02
CA GLY A 34 -14.16 -5.98 -16.54
C GLY A 34 -14.02 -7.03 -17.61
N GLU A 35 -15.08 -7.27 -18.35
CA GLU A 35 -15.07 -8.25 -19.43
C GLU A 35 -13.94 -7.94 -20.40
N ASP A 36 -13.85 -6.68 -20.83
CA ASP A 36 -12.79 -6.31 -21.77
C ASP A 36 -11.42 -6.52 -21.18
N PHE A 37 -11.26 -6.26 -19.89
CA PHE A 37 -9.97 -6.47 -19.25
C PHE A 37 -9.62 -7.95 -19.19
N LEU A 38 -10.60 -8.76 -18.78
CA LEU A 38 -10.41 -10.20 -18.65
C LEU A 38 -10.11 -10.91 -19.96
N ASN A 39 -10.62 -10.40 -21.07
CA ASN A 39 -10.38 -11.03 -22.36
C ASN A 39 -9.06 -10.61 -23.02
N ASP A 40 -8.30 -9.76 -22.34
CA ASP A 40 -7.01 -9.31 -22.85
C ASP A 40 -5.97 -10.27 -22.23
N GLU A 41 -5.28 -11.03 -23.08
CA GLU A 41 -4.32 -12.01 -22.59
C GLU A 41 -2.91 -11.51 -22.26
N GLU A 42 -2.71 -10.20 -22.21
CA GLU A 42 -1.38 -9.68 -21.91
C GLU A 42 -1.15 -9.47 -20.41
N ALA A 43 0.12 -9.28 -20.04
CA ALA A 43 0.49 -9.06 -18.66
C ALA A 43 0.65 -7.58 -18.34
N PHE A 44 0.43 -7.24 -17.07
CA PHE A 44 0.56 -5.87 -16.60
C PHE A 44 1.31 -5.93 -15.28
N HIS A 45 2.14 -4.94 -15.01
CA HIS A 45 2.86 -4.91 -13.74
C HIS A 45 1.93 -4.42 -12.64
N VAL A 46 1.09 -3.46 -12.97
CA VAL A 46 0.14 -2.91 -12.01
C VAL A 46 -1.21 -2.75 -12.70
N VAL A 47 -2.27 -3.03 -11.95
CA VAL A 47 -3.61 -2.86 -12.48
C VAL A 47 -4.41 -2.00 -11.51
N VAL A 48 -4.80 -0.82 -11.98
CA VAL A 48 -5.62 0.09 -11.18
C VAL A 48 -7.02 -0.37 -11.51
N LEU A 49 -7.72 -0.91 -10.51
CA LEU A 49 -9.04 -1.50 -10.70
C LEU A 49 -10.20 -0.93 -9.90
N ASP A 50 -11.27 -0.59 -10.62
CA ASP A 50 -12.50 -0.05 -10.05
C ASP A 50 -13.22 -1.22 -9.39
N VAL A 51 -14.04 -0.93 -8.38
CA VAL A 51 -14.78 -2.01 -7.72
C VAL A 51 -16.18 -2.17 -8.29
N MSE A 52 -16.90 -1.05 -8.41
CA MSE A 52 -18.25 -1.10 -8.96
C MSE A 52 -18.24 -0.98 -10.49
O MSE A 52 -18.21 0.12 -11.04
CB MSE A 52 -19.10 0.00 -8.34
CG MSE A 52 -19.04 0.00 -6.82
SE MSE A 52 -20.47 0.99 -5.98
CE MSE A 52 -20.47 2.56 -7.13
N LEU A 53 -18.24 -2.12 -11.16
CA LEU A 53 -18.24 -2.15 -12.62
C LEU A 53 -19.59 -2.63 -13.13
N PRO A 54 -19.88 -2.43 -14.41
CA PRO A 54 -21.16 -2.84 -15.00
C PRO A 54 -21.39 -4.35 -14.97
N ASP A 55 -20.36 -5.09 -15.37
CA ASP A 55 -20.43 -6.54 -15.46
C ASP A 55 -19.86 -7.32 -14.27
N TYR A 56 -18.67 -6.95 -13.84
CA TYR A 56 -18.02 -7.64 -12.73
C TYR A 56 -17.79 -6.70 -11.57
N SER A 57 -17.42 -7.29 -10.45
CA SER A 57 -17.07 -6.54 -9.26
C SER A 57 -15.56 -6.54 -9.31
N GLY A 58 -14.93 -5.47 -8.85
CA GLY A 58 -13.48 -5.42 -8.84
C GLY A 58 -12.89 -6.51 -7.98
N TYR A 59 -13.64 -6.95 -6.97
CA TYR A 59 -13.17 -8.01 -6.08
C TYR A 59 -13.02 -9.30 -6.87
N GLU A 60 -14.00 -9.58 -7.71
CA GLU A 60 -14.00 -10.79 -8.53
C GLU A 60 -12.81 -10.76 -9.48
N ILE A 61 -12.61 -9.63 -10.14
CA ILE A 61 -11.53 -9.46 -11.09
C ILE A 61 -10.18 -9.59 -10.38
N CYS A 62 -10.05 -8.95 -9.22
CA CYS A 62 -8.81 -9.01 -8.44
C CYS A 62 -8.47 -10.45 -8.12
N ARG A 63 -9.49 -11.22 -7.74
CA ARG A 63 -9.26 -12.63 -7.41
C ARG A 63 -8.75 -13.41 -8.61
N MSE A 64 -9.35 -13.21 -9.77
CA MSE A 64 -8.90 -13.92 -10.96
C MSE A 64 -7.52 -13.48 -11.38
O MSE A 64 -6.75 -14.27 -11.93
CB MSE A 64 -9.90 -13.77 -12.11
CG MSE A 64 -11.17 -14.60 -11.92
SE MSE A 64 -12.42 -14.61 -13.42
CE MSE A 64 -13.27 -12.93 -13.05
N ILE A 65 -7.18 -12.21 -11.13
CA ILE A 65 -5.84 -11.72 -11.47
C ILE A 65 -4.82 -12.50 -10.64
N LYS A 66 -5.09 -12.63 -9.35
CA LYS A 66 -4.17 -13.36 -8.48
C LYS A 66 -4.15 -14.85 -8.79
N GLU A 67 -5.22 -15.36 -9.36
CA GLU A 67 -5.28 -16.78 -9.71
C GLU A 67 -4.64 -17.04 -11.06
N THR A 68 -4.24 -15.98 -11.77
CA THR A 68 -3.62 -16.16 -13.06
C THR A 68 -2.22 -15.55 -13.15
N ARG A 69 -2.06 -14.36 -12.59
CA ARG A 69 -0.76 -13.66 -12.59
C ARG A 69 -0.58 -12.99 -11.23
N PRO A 70 -0.31 -13.77 -10.18
CA PRO A 70 -0.11 -13.26 -8.82
C PRO A 70 1.02 -12.24 -8.67
N GLU A 71 1.92 -12.18 -9.65
CA GLU A 71 3.02 -11.23 -9.57
C GLU A 71 2.49 -9.82 -9.82
N THR A 72 1.28 -9.72 -10.36
CA THR A 72 0.66 -8.44 -10.67
C THR A 72 0.29 -7.66 -9.41
N TRP A 73 0.54 -6.36 -9.43
CA TRP A 73 0.18 -5.50 -8.30
C TRP A 73 -1.18 -4.92 -8.62
N VAL A 74 -2.15 -5.12 -7.72
CA VAL A 74 -3.49 -4.62 -7.96
C VAL A 74 -3.90 -3.56 -6.96
N ILE A 75 -4.22 -2.38 -7.48
CA ILE A 75 -4.63 -1.27 -6.65
C ILE A 75 -6.10 -1.02 -6.93
N LEU A 76 -6.94 -1.22 -5.92
CA LEU A 76 -8.37 -0.98 -6.08
C LEU A 76 -8.55 0.52 -5.90
N LEU A 77 -9.34 1.12 -6.79
CA LEU A 77 -9.64 2.54 -6.80
C LEU A 77 -11.16 2.61 -6.87
N THR A 78 -11.79 2.98 -5.75
CA THR A 78 -13.25 2.99 -5.70
C THR A 78 -13.85 4.04 -4.77
N LEU A 79 -15.13 4.34 -4.99
CA LEU A 79 -15.84 5.31 -4.17
C LEU A 79 -16.22 4.65 -2.83
N LEU A 80 -16.09 3.33 -2.77
CA LEU A 80 -16.38 2.60 -1.54
C LEU A 80 -15.24 2.92 -0.58
N SER A 81 -15.56 3.52 0.56
CA SER A 81 -14.52 3.91 1.52
C SER A 81 -14.69 3.41 2.95
N ASP A 82 -15.73 2.63 3.21
CA ASP A 82 -15.98 2.10 4.55
C ASP A 82 -15.02 0.95 4.82
N ASP A 83 -14.71 0.72 6.09
CA ASP A 83 -13.77 -0.33 6.48
C ASP A 83 -14.07 -1.72 5.92
N GLU A 84 -15.32 -2.10 5.91
CA GLU A 84 -15.72 -3.41 5.40
C GLU A 84 -15.37 -3.57 3.94
N SER A 85 -15.58 -2.53 3.14
CA SER A 85 -15.26 -2.59 1.73
C SER A 85 -13.75 -2.69 1.57
N VAL A 86 -13.02 -1.96 2.42
CA VAL A 86 -11.56 -1.99 2.36
C VAL A 86 -11.07 -3.40 2.69
N LEU A 87 -11.62 -3.99 3.74
CA LEU A 87 -11.22 -5.34 4.13
C LEU A 87 -11.56 -6.36 3.06
N LYS A 88 -12.74 -6.23 2.44
CA LYS A 88 -13.14 -7.17 1.39
C LYS A 88 -12.13 -7.09 0.25
N GLY A 89 -11.64 -5.88 0.01
CA GLY A 89 -10.64 -5.68 -1.03
C GLY A 89 -9.39 -6.46 -0.75
N PHE A 90 -8.85 -6.34 0.46
CA PHE A 90 -7.62 -7.07 0.79
C PHE A 90 -7.87 -8.58 0.84
N GLU A 91 -9.06 -8.97 1.27
CA GLU A 91 -9.42 -10.38 1.33
C GLU A 91 -9.43 -10.96 -0.09
N ALA A 92 -9.77 -10.10 -1.06
CA ALA A 92 -9.84 -10.50 -2.45
C ALA A 92 -8.44 -10.52 -3.09
N GLY A 93 -7.42 -10.14 -2.32
CA GLY A 93 -6.07 -10.14 -2.85
C GLY A 93 -5.48 -8.81 -3.26
N ALA A 94 -6.20 -7.71 -3.03
CA ALA A 94 -5.71 -6.40 -3.42
C ALA A 94 -4.39 -6.05 -2.72
N ASP A 95 -3.55 -5.29 -3.41
CA ASP A 95 -2.27 -4.88 -2.85
C ASP A 95 -2.37 -3.48 -2.29
N ASP A 96 -3.39 -2.75 -2.72
CA ASP A 96 -3.62 -1.41 -2.21
C ASP A 96 -5.09 -1.08 -2.41
N TYR A 97 -5.58 -0.12 -1.65
CA TYR A 97 -6.97 0.31 -1.71
C TYR A 97 -7.00 1.83 -1.64
N VAL A 98 -7.34 2.47 -2.74
CA VAL A 98 -7.41 3.92 -2.79
C VAL A 98 -8.87 4.32 -2.98
N THR A 99 -9.31 5.34 -2.25
CA THR A 99 -10.69 5.76 -2.35
C THR A 99 -10.89 7.05 -3.15
N LYS A 100 -12.03 7.13 -3.84
CA LYS A 100 -12.38 8.30 -4.62
C LYS A 100 -13.23 9.18 -3.70
N PRO A 101 -13.04 10.51 -3.75
CA PRO A 101 -12.07 11.21 -4.60
C PRO A 101 -10.65 10.97 -4.11
N PHE A 102 -9.70 10.95 -5.05
CA PHE A 102 -8.30 10.71 -4.72
C PHE A 102 -7.41 11.81 -5.29
N ASN A 103 -6.18 11.88 -4.79
CA ASN A 103 -5.21 12.86 -5.26
C ASN A 103 -4.37 12.13 -6.31
N PRO A 104 -4.48 12.54 -7.58
CA PRO A 104 -3.69 11.86 -8.63
C PRO A 104 -2.20 11.76 -8.33
N GLU A 105 -1.67 12.75 -7.61
CA GLU A 105 -0.26 12.78 -7.28
C GLU A 105 0.08 11.66 -6.27
N ILE A 106 -0.89 11.30 -5.44
CA ILE A 106 -0.69 10.24 -4.46
C ILE A 106 -0.83 8.87 -5.12
N LEU A 107 -1.77 8.75 -6.03
CA LEU A 107 -1.98 7.48 -6.74
C LEU A 107 -0.71 7.20 -7.54
N LEU A 108 -0.11 8.25 -8.09
CA LEU A 108 1.11 8.10 -8.87
C LEU A 108 2.18 7.51 -7.96
N ALA A 109 2.35 8.12 -6.78
CA ALA A 109 3.32 7.66 -5.81
C ALA A 109 3.05 6.22 -5.40
N ARG A 110 1.78 5.86 -5.24
CA ARG A 110 1.43 4.49 -4.86
C ARG A 110 1.77 3.49 -5.97
N VAL A 111 1.55 3.89 -7.21
CA VAL A 111 1.87 3.03 -8.35
C VAL A 111 3.39 2.87 -8.47
N LYS A 112 4.10 4.00 -8.42
CA LYS A 112 5.56 3.99 -8.52
C LYS A 112 6.27 3.12 -7.49
N ARG A 113 5.81 3.17 -6.24
CA ARG A 113 6.46 2.40 -5.20
C ARG A 113 6.28 0.89 -5.35
N PHE A 114 5.37 0.47 -6.23
CA PHE A 114 5.17 -0.94 -6.48
C PHE A 114 6.07 -1.29 -7.67
N LEU A 115 6.12 -0.37 -8.64
CA LEU A 115 6.94 -0.56 -9.83
C LEU A 115 8.43 -0.60 -9.49
N GLU A 116 8.81 -0.02 -8.36
CA GLU A 116 10.20 -0.01 -7.94
C GLU A 116 10.59 -1.35 -7.31
N ARG A 117 9.61 -2.24 -7.20
CA ARG A 117 9.85 -3.57 -6.65
C ARG A 117 10.03 -4.55 -7.80
N MSE B 1 6.49 -19.71 9.26
CA MSE B 1 7.48 -18.62 9.07
C MSE B 1 7.11 -17.41 9.91
O MSE B 1 6.23 -16.63 9.54
CB MSE B 1 7.54 -18.21 7.58
CG MSE B 1 8.76 -17.40 7.20
SE MSE B 1 10.38 -18.47 7.14
CE MSE B 1 11.07 -18.14 8.93
N MSE B 2 7.75 -17.26 11.06
CA MSE B 2 7.48 -16.12 11.93
C MSE B 2 8.48 -15.02 11.62
O MSE B 2 9.64 -15.07 12.03
CB MSE B 2 7.57 -16.54 13.40
CG MSE B 2 6.41 -17.42 13.86
SE MSE B 2 4.68 -16.55 13.74
CE MSE B 2 4.04 -17.31 12.09
N TRP B 3 8.00 -14.02 10.88
CA TRP B 3 8.83 -12.89 10.48
C TRP B 3 9.18 -11.92 11.61
N LYS B 4 10.11 -11.02 11.32
CA LYS B 4 10.54 -10.02 12.28
C LYS B 4 9.87 -8.69 11.95
N ILE B 5 9.10 -8.19 12.91
CA ILE B 5 8.37 -6.94 12.74
C ILE B 5 8.76 -5.92 13.80
N ALA B 6 8.84 -4.66 13.40
CA ALA B 6 9.20 -3.59 14.31
C ALA B 6 8.14 -2.50 14.32
N VAL B 7 7.86 -1.97 15.50
CA VAL B 7 6.90 -0.89 15.67
C VAL B 7 7.60 0.25 16.40
N VAL B 8 7.66 1.40 15.75
CA VAL B 8 8.31 2.58 16.31
C VAL B 8 7.28 3.71 16.52
N ASP B 9 7.04 4.09 17.77
CA ASP B 9 6.09 5.15 18.09
C ASP B 9 6.25 5.58 19.54
N ASP B 10 6.29 6.89 19.77
CA ASP B 10 6.46 7.42 21.11
C ASP B 10 5.20 7.25 21.96
N ASP B 11 4.11 6.79 21.34
CA ASP B 11 2.85 6.59 22.06
C ASP B 11 2.71 5.14 22.49
N LYS B 12 2.82 4.94 23.80
CA LYS B 12 2.71 3.64 24.45
C LYS B 12 1.51 2.85 23.98
N ASN B 13 0.39 3.56 23.81
CA ASN B 13 -0.85 2.93 23.39
C ASN B 13 -0.75 2.36 21.97
N ILE B 14 -0.06 3.05 21.08
CA ILE B 14 0.10 2.56 19.72
C ILE B 14 0.97 1.30 19.72
N LEU B 15 2.07 1.32 20.48
CA LEU B 15 2.96 0.17 20.55
C LEU B 15 2.23 -1.09 21.00
N LYS B 16 1.34 -0.93 21.98
CA LYS B 16 0.60 -2.06 22.49
C LYS B 16 -0.45 -2.57 21.51
N LYS B 17 -1.23 -1.66 20.95
CA LYS B 17 -2.28 -2.03 20.00
C LYS B 17 -1.68 -2.73 18.77
N VAL B 18 -0.70 -2.07 18.14
CA VAL B 18 -0.07 -2.63 16.96
C VAL B 18 0.67 -3.94 17.22
N SER B 19 1.50 -3.98 18.26
CA SER B 19 2.23 -5.21 18.55
C SER B 19 1.32 -6.40 18.81
N GLU B 20 0.33 -6.23 19.70
CA GLU B 20 -0.56 -7.33 20.01
C GLU B 20 -1.36 -7.79 18.80
N LYS B 21 -1.49 -6.92 17.81
CA LYS B 21 -2.25 -7.30 16.62
C LYS B 21 -1.39 -8.03 15.60
N LEU B 22 -0.16 -7.55 15.40
CA LEU B 22 0.75 -8.14 14.42
C LEU B 22 1.49 -9.35 14.96
N GLN B 23 1.41 -9.52 16.28
CA GLN B 23 2.07 -10.61 16.98
C GLN B 23 1.80 -11.97 16.32
N GLN B 24 0.57 -12.18 15.85
CA GLN B 24 0.20 -13.44 15.22
C GLN B 24 1.00 -13.68 13.94
N LEU B 25 1.53 -12.60 13.36
CA LEU B 25 2.32 -12.72 12.14
C LEU B 25 3.78 -13.05 12.45
N GLY B 26 4.18 -12.90 13.70
CA GLY B 26 5.54 -13.19 14.07
C GLY B 26 6.09 -12.38 15.22
N ARG B 27 7.41 -12.41 15.38
CA ARG B 27 8.10 -11.69 16.45
C ARG B 27 8.00 -10.17 16.27
N VAL B 28 7.49 -9.50 17.29
CA VAL B 28 7.33 -8.05 17.23
C VAL B 28 8.12 -7.29 18.28
N LYS B 29 8.92 -6.34 17.82
CA LYS B 29 9.70 -5.50 18.74
C LYS B 29 9.13 -4.10 18.71
N THR B 30 9.02 -3.49 19.89
CA THR B 30 8.47 -2.14 20.04
C THR B 30 9.50 -1.13 20.56
N PHE B 31 9.53 0.03 19.92
CA PHE B 31 10.47 1.09 20.29
C PHE B 31 9.76 2.42 20.50
N LEU B 32 10.20 3.19 21.50
CA LEU B 32 9.58 4.48 21.80
C LEU B 32 10.21 5.66 21.07
N THR B 33 11.45 5.50 20.59
CA THR B 33 12.13 6.57 19.89
C THR B 33 12.87 6.05 18.67
N GLY B 34 13.30 6.96 17.81
CA GLY B 34 14.04 6.55 16.64
C GLY B 34 15.35 5.93 17.11
N GLU B 35 15.91 6.46 18.20
CA GLU B 35 17.17 5.94 18.74
C GLU B 35 17.04 4.51 19.24
N ASP B 36 15.93 4.20 19.92
CA ASP B 36 15.72 2.84 20.41
C ASP B 36 15.76 1.85 19.24
N PHE B 37 15.12 2.22 18.14
CA PHE B 37 15.07 1.38 16.94
C PHE B 37 16.44 1.26 16.24
N LEU B 38 17.08 2.39 16.01
CA LEU B 38 18.39 2.41 15.35
C LEU B 38 19.45 1.64 16.14
N ASN B 39 19.38 1.68 17.46
CA ASN B 39 20.35 0.97 18.29
C ASN B 39 20.06 -0.52 18.38
N ASP B 40 18.98 -0.94 17.73
CA ASP B 40 18.62 -2.34 17.70
C ASP B 40 18.91 -2.78 16.27
N GLU B 41 20.19 -2.92 15.95
CA GLU B 41 20.62 -3.29 14.61
C GLU B 41 20.17 -4.69 14.16
N GLU B 42 18.88 -4.92 14.18
CA GLU B 42 18.29 -6.19 13.77
C GLU B 42 17.58 -5.92 12.44
N ALA B 43 17.56 -6.91 11.55
CA ALA B 43 16.90 -6.74 10.27
C ALA B 43 15.45 -7.19 10.39
N PHE B 44 14.52 -6.28 10.06
CA PHE B 44 13.09 -6.60 10.13
C PHE B 44 12.48 -6.66 8.73
N HIS B 45 11.48 -7.51 8.56
CA HIS B 45 10.81 -7.65 7.28
C HIS B 45 9.86 -6.46 7.09
N VAL B 46 9.22 -6.06 8.17
CA VAL B 46 8.29 -4.93 8.14
C VAL B 46 8.52 -4.02 9.34
N VAL B 47 8.37 -2.72 9.11
CA VAL B 47 8.51 -1.75 10.17
C VAL B 47 7.32 -0.78 10.13
N VAL B 48 6.52 -0.77 11.19
CA VAL B 48 5.40 0.15 11.30
C VAL B 48 6.04 1.37 11.97
N LEU B 49 6.07 2.48 11.24
CA LEU B 49 6.75 3.68 11.72
C LEU B 49 5.95 4.98 11.85
N ASP B 50 6.03 5.56 13.04
CA ASP B 50 5.37 6.83 13.37
C ASP B 50 6.18 7.92 12.65
N VAL B 51 5.57 9.06 12.35
CA VAL B 51 6.30 10.13 11.67
C VAL B 51 6.85 11.17 12.65
N MSE B 52 6.01 11.62 13.57
CA MSE B 52 6.42 12.62 14.56
C MSE B 52 7.02 11.93 15.79
O MSE B 52 6.31 11.54 16.71
CB MSE B 52 5.22 13.48 14.97
CG MSE B 52 4.61 14.29 13.83
SE MSE B 52 3.10 15.35 14.37
CE MSE B 52 4.04 16.65 15.46
N LEU B 53 8.34 11.77 15.79
CA LEU B 53 9.03 11.14 16.91
C LEU B 53 9.82 12.21 17.65
N PRO B 54 10.16 11.95 18.92
CA PRO B 54 10.92 12.90 19.74
C PRO B 54 12.35 13.25 19.29
N ASP B 55 13.02 12.31 18.62
CA ASP B 55 14.39 12.53 18.16
C ASP B 55 14.54 12.63 16.65
N TYR B 56 14.31 11.52 15.96
CA TYR B 56 14.40 11.45 14.49
C TYR B 56 12.97 11.45 13.96
N SER B 57 12.74 12.09 12.81
CA SER B 57 11.39 12.08 12.25
C SER B 57 11.20 10.74 11.53
N GLY B 58 9.95 10.33 11.34
CA GLY B 58 9.69 9.07 10.66
C GLY B 58 10.19 9.05 9.23
N TYR B 59 10.23 10.23 8.60
CA TYR B 59 10.70 10.32 7.23
C TYR B 59 12.18 9.96 7.14
N GLU B 60 12.96 10.44 8.10
CA GLU B 60 14.40 10.18 8.13
C GLU B 60 14.72 8.72 8.44
N ILE B 61 14.00 8.14 9.40
CA ILE B 61 14.26 6.75 9.75
C ILE B 61 13.88 5.86 8.56
N CYS B 62 12.81 6.23 7.86
CA CYS B 62 12.38 5.45 6.70
C CYS B 62 13.48 5.47 5.64
N ARG B 63 14.05 6.64 5.39
CA ARG B 63 15.11 6.77 4.40
C ARG B 63 16.32 5.94 4.82
N MSE B 64 16.63 5.99 6.12
CA MSE B 64 17.75 5.24 6.67
C MSE B 64 17.52 3.72 6.55
O MSE B 64 18.46 2.97 6.27
CB MSE B 64 17.97 5.63 8.13
CG MSE B 64 18.40 7.07 8.31
SE MSE B 64 18.54 7.59 10.17
CE MSE B 64 20.11 6.58 10.65
N ILE B 65 16.28 3.29 6.76
CA ILE B 65 15.97 1.87 6.63
C ILE B 65 16.13 1.43 5.19
N LYS B 66 15.65 2.26 4.25
CA LYS B 66 15.74 1.93 2.84
C LYS B 66 17.20 1.88 2.39
N GLU B 67 17.99 2.82 2.87
CA GLU B 67 19.41 2.88 2.54
C GLU B 67 20.08 1.58 2.96
N THR B 68 19.70 1.06 4.12
CA THR B 68 20.31 -0.17 4.63
C THR B 68 19.68 -1.44 4.07
N ARG B 69 18.35 -1.54 4.15
CA ARG B 69 17.65 -2.72 3.63
C ARG B 69 16.47 -2.32 2.76
N PRO B 70 16.71 -2.07 1.47
CA PRO B 70 15.66 -1.68 0.52
C PRO B 70 14.47 -2.63 0.47
N GLU B 71 14.73 -3.90 0.77
CA GLU B 71 13.69 -4.92 0.73
C GLU B 71 12.68 -4.75 1.85
N THR B 72 13.08 -4.03 2.91
CA THR B 72 12.21 -3.81 4.06
C THR B 72 10.92 -3.10 3.66
N TRP B 73 9.80 -3.55 4.22
CA TRP B 73 8.52 -2.91 3.95
C TRP B 73 8.30 -1.90 5.07
N VAL B 74 8.21 -0.63 4.71
CA VAL B 74 8.01 0.41 5.71
C VAL B 74 6.62 1.00 5.61
N ILE B 75 5.85 0.88 6.69
CA ILE B 75 4.49 1.39 6.74
C ILE B 75 4.46 2.55 7.72
N LEU B 76 4.27 3.77 7.22
CA LEU B 76 4.19 4.91 8.10
C LEU B 76 2.79 4.89 8.71
N LEU B 77 2.72 5.12 10.02
CA LEU B 77 1.44 5.15 10.76
C LEU B 77 1.51 6.45 11.55
N THR B 78 0.67 7.41 11.20
CA THR B 78 0.73 8.72 11.84
C THR B 78 -0.58 9.49 11.91
N LEU B 79 -0.60 10.50 12.77
CA LEU B 79 -1.78 11.36 12.91
C LEU B 79 -1.85 12.33 11.75
N LEU B 80 -0.71 12.57 11.10
CA LEU B 80 -0.64 13.49 9.95
C LEU B 80 -1.48 12.91 8.81
N SER B 81 -2.54 13.61 8.44
CA SER B 81 -3.45 13.12 7.40
C SER B 81 -3.53 13.94 6.11
N ASP B 82 -2.90 15.10 6.08
CA ASP B 82 -2.94 15.92 4.87
C ASP B 82 -2.17 15.31 3.69
N ASP B 83 -2.65 15.58 2.48
CA ASP B 83 -2.04 15.07 1.25
C ASP B 83 -0.55 15.37 1.20
N GLU B 84 -0.17 16.56 1.63
CA GLU B 84 1.23 16.97 1.64
C GLU B 84 2.11 16.03 2.48
N SER B 85 1.57 15.56 3.59
CA SER B 85 2.31 14.67 4.47
C SER B 85 2.39 13.26 3.90
N VAL B 86 1.34 12.85 3.19
CA VAL B 86 1.32 11.53 2.57
C VAL B 86 2.37 11.48 1.46
N LEU B 87 2.43 12.53 0.65
CA LEU B 87 3.40 12.63 -0.45
C LEU B 87 4.84 12.62 0.06
N LYS B 88 5.06 13.24 1.22
CA LYS B 88 6.40 13.28 1.80
C LYS B 88 6.82 11.90 2.29
N GLY B 89 5.86 11.13 2.78
CA GLY B 89 6.14 9.80 3.27
C GLY B 89 6.63 8.89 2.17
N PHE B 90 5.89 8.83 1.06
CA PHE B 90 6.27 8.00 -0.08
C PHE B 90 7.56 8.52 -0.69
N GLU B 91 7.74 9.84 -0.63
CA GLU B 91 8.93 10.48 -1.16
C GLU B 91 10.14 9.96 -0.39
N ALA B 92 9.92 9.64 0.89
CA ALA B 92 10.96 9.11 1.76
C ALA B 92 11.22 7.63 1.53
N GLY B 93 10.37 6.99 0.74
CA GLY B 93 10.54 5.58 0.45
C GLY B 93 9.57 4.66 1.17
N ALA B 94 8.53 5.23 1.78
CA ALA B 94 7.54 4.43 2.50
C ALA B 94 6.76 3.54 1.54
N ASP B 95 6.44 2.33 1.98
CA ASP B 95 5.69 1.40 1.13
C ASP B 95 4.20 1.54 1.37
N ASP B 96 3.83 2.27 2.43
CA ASP B 96 2.43 2.52 2.74
C ASP B 96 2.35 3.66 3.73
N TYR B 97 1.20 4.32 3.78
CA TYR B 97 0.97 5.46 4.65
C TYR B 97 -0.41 5.30 5.26
N VAL B 98 -0.46 4.99 6.56
CA VAL B 98 -1.74 4.80 7.24
C VAL B 98 -1.94 5.91 8.27
N THR B 99 -3.17 6.41 8.36
CA THR B 99 -3.47 7.48 9.30
C THR B 99 -4.09 6.96 10.58
N LYS B 100 -3.92 7.71 11.66
CA LYS B 100 -4.51 7.36 12.95
C LYS B 100 -5.74 8.25 13.08
N PRO B 101 -6.83 7.74 13.67
CA PRO B 101 -7.00 6.39 14.21
C PRO B 101 -7.08 5.37 13.08
N PHE B 102 -6.58 4.16 13.33
CA PHE B 102 -6.57 3.12 12.31
C PHE B 102 -7.37 1.91 12.75
N ASN B 103 -7.71 1.06 11.78
CA ASN B 103 -8.44 -0.18 12.03
C ASN B 103 -7.36 -1.24 12.08
N PRO B 104 -7.18 -1.90 13.24
CA PRO B 104 -6.18 -2.94 13.46
C PRO B 104 -6.31 -4.11 12.49
N GLU B 105 -7.55 -4.40 12.10
CA GLU B 105 -7.83 -5.48 11.17
C GLU B 105 -7.30 -5.09 9.79
N ILE B 106 -7.40 -3.81 9.47
CA ILE B 106 -6.91 -3.30 8.19
C ILE B 106 -5.38 -3.26 8.18
N LEU B 107 -4.78 -2.88 9.30
CA LEU B 107 -3.33 -2.83 9.40
C LEU B 107 -2.77 -4.25 9.26
N LEU B 108 -3.46 -5.22 9.86
CA LEU B 108 -3.03 -6.60 9.78
C LEU B 108 -3.02 -7.03 8.31
N ALA B 109 -4.12 -6.76 7.63
CA ALA B 109 -4.25 -7.11 6.22
C ALA B 109 -3.14 -6.47 5.38
N ARG B 110 -2.85 -5.19 5.63
CA ARG B 110 -1.80 -4.52 4.88
C ARG B 110 -0.45 -5.18 5.11
N VAL B 111 -0.14 -5.52 6.36
CA VAL B 111 1.13 -6.19 6.64
C VAL B 111 1.16 -7.56 5.96
N LYS B 112 0.10 -8.34 6.14
CA LYS B 112 -0.01 -9.66 5.54
C LYS B 112 0.28 -9.67 4.04
N ARG B 113 -0.31 -8.70 3.32
CA ARG B 113 -0.13 -8.64 1.88
C ARG B 113 1.31 -8.35 1.47
N PHE B 114 2.09 -7.74 2.35
CA PHE B 114 3.48 -7.47 2.03
C PHE B 114 4.30 -8.74 2.28
N LEU B 115 4.05 -9.38 3.42
CA LEU B 115 4.76 -10.60 3.78
C LEU B 115 4.60 -11.68 2.73
N GLU B 116 3.45 -11.67 2.06
CA GLU B 116 3.18 -12.65 1.02
C GLU B 116 4.08 -12.42 -0.19
N ARG B 117 4.79 -11.29 -0.19
CA ARG B 117 5.71 -10.96 -1.29
C ARG B 117 7.14 -11.35 -0.92
MG MG C . -17.36 2.26 -11.59
BE BEF D . -16.09 2.33 -8.56
F1 BEF D . -17.38 2.36 -9.29
F2 BEF D . -16.15 1.30 -7.47
F3 BEF D . -15.79 3.68 -7.98
MG MG E . 4.40 10.44 17.21
BE BEF F . 2.92 10.30 14.76
F1 BEF F . 2.99 11.18 15.95
F2 BEF F . 3.31 11.09 13.53
F3 BEF F . 1.53 9.76 14.62
#